data_6V4G
#
_entry.id   6V4G
#
_cell.length_a   81.290
_cell.length_b   108.930
_cell.length_c   30.910
_cell.angle_alpha   90.000
_cell.angle_beta   90.000
_cell.angle_gamma   90.000
#
_symmetry.space_group_name_H-M   'C 2 2 21'
#
loop_
_entity.id
_entity.type
_entity.pdbx_description
1 polymer 'Protein Mdm4'
2 polymer 'Stapled peptide QSQQTF(0EH)NLWRLE(MK8)QN(NH2)'
3 non-polymer 'SULFATE ION'
4 water water
#
loop_
_entity_poly.entity_id
_entity_poly.type
_entity_poly.pdbx_seq_one_letter_code
_entity_poly.pdbx_strand_id
1 'polypeptide(L)'
;MHHHHHHDDDDKRTLPGEGTQVHPRAPLLQILKVAGAQEEVFTVKEVMHYLGQYIMMKQLYDKQRQHIVHCHDDPLGELL
EVGSFSVKNPSPLYEMLKRNLVIL
;
A
2 'polypeptide(L)' QSQQTF(0EH)NLWRLE(MK8)QN(NH2) B
#
# COMPACT_ATOMS: atom_id res chain seq x y z
N LEU A 15 13.34 1.58 5.01
CA LEU A 15 12.84 2.38 3.89
C LEU A 15 13.36 3.82 3.97
N PRO A 16 13.52 4.46 2.82
CA PRO A 16 14.07 5.82 2.79
C PRO A 16 13.11 6.81 3.46
N GLY A 17 13.65 8.00 3.72
CA GLY A 17 12.95 8.98 4.53
C GLY A 17 11.85 9.75 3.82
N GLU A 18 11.87 11.07 3.98
CA GLU A 18 10.75 11.90 3.51
C GLU A 18 10.83 12.19 2.02
N GLY A 19 11.79 13.02 1.62
CA GLY A 19 11.88 13.46 0.24
C GLY A 19 12.58 12.52 -0.72
N THR A 20 13.14 11.42 -0.23
CA THR A 20 13.88 10.51 -1.11
C THR A 20 12.95 9.92 -2.15
N GLN A 21 13.45 9.82 -3.38
CA GLN A 21 12.65 9.34 -4.50
C GLN A 21 12.90 7.86 -4.74
N VAL A 22 11.85 7.16 -5.16
CA VAL A 22 11.89 5.71 -5.38
C VAL A 22 11.19 5.41 -6.70
N HIS A 23 11.59 4.29 -7.31
CA HIS A 23 10.97 3.80 -8.53
C HIS A 23 10.37 2.43 -8.26
N PRO A 24 9.06 2.24 -8.37
CA PRO A 24 8.48 0.93 -8.10
C PRO A 24 8.76 -0.06 -9.22
N ARG A 25 9.00 -1.31 -8.83
CA ARG A 25 9.10 -2.39 -9.81
C ARG A 25 7.75 -2.59 -10.49
N ALA A 26 7.79 -3.22 -11.68
CA ALA A 26 6.62 -3.30 -12.56
C ALA A 26 5.33 -3.76 -11.88
N PRO A 27 5.30 -4.87 -11.13
CA PRO A 27 4.02 -5.30 -10.53
C PRO A 27 3.45 -4.30 -9.55
N LEU A 28 4.31 -3.60 -8.80
CA LEU A 28 3.81 -2.56 -7.91
C LEU A 28 3.34 -1.35 -8.69
N LEU A 29 4.11 -0.95 -9.72
CA LEU A 29 3.70 0.20 -10.52
C LEU A 29 2.32 -0.01 -11.14
N GLN A 30 2.02 -1.23 -11.58
CA GLN A 30 0.71 -1.48 -12.19
C GLN A 30 -0.41 -1.24 -11.19
N ILE A 31 -0.20 -1.62 -9.93
CA ILE A 31 -1.20 -1.37 -8.90
C ILE A 31 -1.38 0.12 -8.67
N LEU A 32 -0.26 0.86 -8.58
CA LEU A 32 -0.36 2.31 -8.40
C LEU A 32 -1.08 2.98 -9.58
N LYS A 33 -0.85 2.48 -10.80
CA LYS A 33 -1.51 3.02 -11.99
C LYS A 33 -3.02 2.81 -11.92
N VAL A 34 -3.46 1.65 -11.44
CA VAL A 34 -4.89 1.42 -11.23
C VAL A 34 -5.47 2.51 -10.34
N ALA A 35 -4.72 2.92 -9.33
CA ALA A 35 -5.14 3.93 -8.38
C ALA A 35 -4.97 5.36 -8.90
N GLY A 36 -4.55 5.53 -10.15
CA GLY A 36 -4.50 6.84 -10.77
C GLY A 36 -3.12 7.46 -10.92
N ALA A 37 -2.05 6.76 -10.53
CA ALA A 37 -0.72 7.33 -10.60
C ALA A 37 -0.30 7.45 -12.06
N GLN A 38 0.18 8.63 -12.44
CA GLN A 38 0.64 8.89 -13.79
C GLN A 38 2.15 9.02 -13.89
N GLU A 39 2.86 8.99 -12.77
CA GLU A 39 4.30 9.16 -12.73
C GLU A 39 4.99 7.81 -12.53
N GLU A 40 6.30 7.81 -12.71
CA GLU A 40 7.14 6.64 -12.49
C GLU A 40 8.03 6.76 -11.26
N VAL A 41 8.17 7.96 -10.70
CA VAL A 41 9.02 8.22 -9.56
C VAL A 41 8.17 8.83 -8.46
N PHE A 42 8.38 8.38 -7.23
CA PHE A 42 7.53 8.76 -6.11
C PHE A 42 8.39 8.95 -4.88
N THR A 43 7.82 9.57 -3.86
CA THR A 43 8.30 9.39 -2.50
C THR A 43 7.56 8.21 -1.88
N VAL A 44 8.11 7.69 -0.78
CA VAL A 44 7.44 6.60 -0.08
C VAL A 44 6.03 7.01 0.34
N LYS A 45 5.87 8.24 0.82
CA LYS A 45 4.54 8.71 1.23
C LYS A 45 3.57 8.72 0.06
N GLU A 46 4.04 9.10 -1.13
CA GLU A 46 3.19 9.08 -2.32
C GLU A 46 2.82 7.66 -2.71
N VAL A 47 3.77 6.71 -2.61
CA VAL A 47 3.44 5.31 -2.81
C VAL A 47 2.34 4.87 -1.86
N MET A 48 2.46 5.25 -0.58
CA MET A 48 1.44 4.89 0.40
C MET A 48 0.10 5.55 0.09
N HIS A 49 0.12 6.79 -0.43
CA HIS A 49 -1.12 7.43 -0.85
C HIS A 49 -1.83 6.60 -1.92
N TYR A 50 -1.08 6.18 -2.94
CA TYR A 50 -1.71 5.42 -4.02
C TYR A 50 -2.11 4.01 -3.58
N LEU A 51 -1.36 3.38 -2.68
CA LEU A 51 -1.78 2.08 -2.15
C LEU A 51 -3.07 2.21 -1.37
N GLY A 52 -3.20 3.26 -0.56
CA GLY A 52 -4.46 3.50 0.13
C GLY A 52 -5.61 3.75 -0.83
N GLN A 53 -5.35 4.54 -1.87
CA GLN A 53 -6.35 4.77 -2.91
C GLN A 53 -6.80 3.46 -3.54
N TYR A 54 -5.84 2.59 -3.87
CA TYR A 54 -6.15 1.31 -4.50
C TYR A 54 -7.06 0.47 -3.61
N ILE A 55 -6.69 0.32 -2.34
CA ILE A 55 -7.46 -0.51 -1.40
C ILE A 55 -8.85 0.08 -1.23
N MET A 56 -8.94 1.41 -1.16
CA MET A 56 -10.22 2.07 -0.99
C MET A 56 -11.09 1.88 -2.24
N MET A 57 -10.55 2.13 -3.43
CA MET A 57 -11.35 2.03 -4.65
C MET A 57 -11.85 0.61 -4.87
N LYS A 58 -11.01 -0.39 -4.57
CA LYS A 58 -11.39 -1.78 -4.78
C LYS A 58 -12.15 -2.36 -3.61
N GLN A 59 -12.34 -1.58 -2.55
CA GLN A 59 -13.08 -2.01 -1.36
C GLN A 59 -12.51 -3.31 -0.78
N LEU A 60 -11.18 -3.37 -0.66
CA LEU A 60 -10.54 -4.54 -0.08
C LEU A 60 -10.58 -4.52 1.44
N TYR A 61 -10.84 -3.38 2.06
CA TYR A 61 -10.98 -3.35 3.50
C TYR A 61 -12.23 -4.09 3.95
N ASP A 62 -12.15 -4.67 5.15
CA ASP A 62 -13.31 -5.30 5.76
C ASP A 62 -14.38 -4.23 6.05
N LYS A 63 -15.61 -4.53 5.66
CA LYS A 63 -16.67 -3.52 5.79
C LYS A 63 -16.97 -3.19 7.24
N GLN A 64 -16.83 -4.15 8.14
CA GLN A 64 -17.19 -3.96 9.53
C GLN A 64 -16.01 -3.50 10.39
N ARG A 65 -14.81 -4.00 10.09
CA ARG A 65 -13.62 -3.73 10.90
C ARG A 65 -12.59 -3.19 9.92
N GLN A 66 -12.64 -1.88 9.67
CA GLN A 66 -12.04 -1.33 8.46
C GLN A 66 -10.53 -1.13 8.54
N HIS A 67 -9.90 -1.46 9.67
CA HIS A 67 -8.45 -1.55 9.71
C HIS A 67 -7.93 -2.87 9.15
N ILE A 68 -8.80 -3.84 8.87
CA ILE A 68 -8.40 -5.10 8.29
C ILE A 68 -8.57 -5.02 6.78
N VAL A 69 -7.56 -5.46 6.03
CA VAL A 69 -7.60 -5.46 4.57
C VAL A 69 -7.49 -6.89 4.09
N HIS A 70 -8.43 -7.32 3.26
CA HIS A 70 -8.46 -8.67 2.68
C HIS A 70 -7.90 -8.58 1.27
N CYS A 71 -6.66 -9.00 1.08
CA CYS A 71 -5.96 -8.87 -0.19
C CYS A 71 -5.78 -10.18 -0.92
N HIS A 72 -6.27 -11.28 -0.38
CA HIS A 72 -6.21 -12.55 -1.08
C HIS A 72 -6.99 -12.44 -2.39
N ASP A 73 -6.58 -13.20 -3.39
CA ASP A 73 -7.23 -13.20 -4.70
C ASP A 73 -7.20 -11.84 -5.42
N ASP A 74 -6.30 -10.95 -5.01
CA ASP A 74 -6.09 -9.66 -5.64
C ASP A 74 -4.61 -9.53 -5.95
N PRO A 75 -4.24 -8.83 -7.02
CA PRO A 75 -2.81 -8.61 -7.30
C PRO A 75 -2.04 -8.06 -6.11
N LEU A 76 -2.68 -7.26 -5.25
CA LEU A 76 -1.96 -6.71 -4.11
C LEU A 76 -1.50 -7.82 -3.16
N GLY A 77 -2.33 -8.85 -2.97
CA GLY A 77 -1.94 -9.96 -2.11
C GLY A 77 -0.76 -10.74 -2.67
N GLU A 78 -0.61 -10.76 -4.00
CA GLU A 78 0.57 -11.42 -4.59
C GLU A 78 1.85 -10.74 -4.16
N LEU A 79 1.82 -9.41 -4.03
CA LEU A 79 3.01 -8.67 -3.60
C LEU A 79 3.19 -8.76 -2.10
N LEU A 80 2.09 -8.68 -1.35
CA LEU A 80 2.19 -8.71 0.10
C LEU A 80 2.50 -10.11 0.64
N GLU A 81 2.14 -11.16 -0.10
CA GLU A 81 2.38 -12.54 0.29
C GLU A 81 1.59 -12.97 1.51
N VAL A 82 0.52 -12.23 1.82
CA VAL A 82 -0.41 -12.56 2.90
C VAL A 82 -1.82 -12.40 2.36
N GLY A 83 -2.77 -13.12 2.98
CA GLY A 83 -4.16 -13.02 2.57
C GLY A 83 -4.89 -11.84 3.18
N SER A 84 -4.42 -11.36 4.32
N SER A 84 -4.45 -11.38 4.35
CA SER A 84 -5.02 -10.20 4.96
CA SER A 84 -5.05 -10.24 5.02
C SER A 84 -3.97 -9.57 5.86
C SER A 84 -3.97 -9.57 5.85
N PHE A 85 -4.18 -8.29 6.18
CA PHE A 85 -3.29 -7.59 7.09
C PHE A 85 -4.09 -6.53 7.82
N SER A 86 -3.51 -6.01 8.89
CA SER A 86 -4.07 -4.91 9.65
C SER A 86 -3.27 -3.65 9.39
N VAL A 87 -3.98 -2.54 9.16
CA VAL A 87 -3.32 -1.24 8.98
C VAL A 87 -2.50 -0.88 10.21
N LYS A 88 -2.91 -1.37 11.38
CA LYS A 88 -2.20 -1.11 12.62
C LYS A 88 -1.03 -2.08 12.86
N ASN A 89 -0.81 -3.02 11.94
CA ASN A 89 0.33 -3.93 11.98
C ASN A 89 0.94 -3.94 10.58
N PRO A 90 1.49 -2.81 10.14
CA PRO A 90 1.78 -2.61 8.71
C PRO A 90 3.07 -3.24 8.20
N SER A 91 3.77 -4.03 9.02
N SER A 91 3.77 -4.02 9.02
N SER A 91 3.77 -4.02 9.02
CA SER A 91 5.03 -4.62 8.57
CA SER A 91 5.02 -4.64 8.59
CA SER A 91 5.02 -4.65 8.59
C SER A 91 4.97 -5.35 7.23
C SER A 91 4.95 -5.34 7.24
C SER A 91 4.94 -5.33 7.23
N PRO A 92 3.92 -6.13 6.90
CA PRO A 92 3.89 -6.75 5.56
C PRO A 92 3.92 -5.74 4.43
N LEU A 93 3.30 -4.58 4.62
CA LEU A 93 3.33 -3.53 3.61
C LEU A 93 4.75 -3.04 3.41
N TYR A 94 5.44 -2.71 4.51
CA TYR A 94 6.77 -2.14 4.39
C TYR A 94 7.78 -3.16 3.90
N GLU A 95 7.63 -4.44 4.30
CA GLU A 95 8.48 -5.48 3.75
C GLU A 95 8.30 -5.61 2.24
N MET A 96 7.05 -5.53 1.77
CA MET A 96 6.79 -5.56 0.33
C MET A 96 7.44 -4.36 -0.37
N LEU A 97 7.33 -3.17 0.24
CA LEU A 97 7.94 -1.98 -0.36
C LEU A 97 9.45 -2.13 -0.46
N LYS A 98 10.08 -2.71 0.56
CA LYS A 98 11.53 -2.93 0.50
C LYS A 98 11.90 -3.81 -0.70
N ARG A 99 11.08 -4.81 -1.00
CA ARG A 99 11.32 -5.69 -2.14
C ARG A 99 10.97 -5.07 -3.48
N ASN A 100 10.11 -4.05 -3.50
CA ASN A 100 9.52 -3.57 -4.74
C ASN A 100 9.83 -2.10 -5.06
N LEU A 101 10.73 -1.47 -4.31
CA LEU A 101 11.13 -0.08 -4.60
C LEU A 101 12.62 -0.03 -4.86
N VAL A 102 13.00 0.59 -5.96
CA VAL A 102 14.40 0.91 -6.24
C VAL A 102 14.64 2.31 -5.69
N ILE A 103 15.62 2.45 -4.80
CA ILE A 103 15.91 3.74 -4.18
C ILE A 103 16.77 4.56 -5.13
N LEU A 104 16.33 5.79 -5.42
CA LEU A 104 17.03 6.67 -6.35
C LEU A 104 17.88 7.71 -5.60
N GLN B 3 -15.67 3.07 15.24
CA GLN B 3 -16.21 2.93 13.91
C GLN B 3 -15.51 3.90 12.94
N GLN B 4 -14.21 3.70 12.76
CA GLN B 4 -13.45 4.59 11.90
C GLN B 4 -13.41 4.04 10.47
N THR B 5 -13.30 4.94 9.51
CA THR B 5 -13.29 4.52 8.11
C THR B 5 -11.88 4.12 7.69
N PHE B 6 -11.82 3.27 6.67
CA PHE B 6 -10.54 2.84 6.13
C PHE B 6 -9.70 4.07 5.73
N ASN B 8 -9.69 7.10 6.98
CA ASN B 8 -9.00 7.80 8.06
C ASN B 8 -7.91 6.95 8.70
N LEU B 9 -8.14 5.64 8.82
CA LEU B 9 -7.13 4.76 9.41
C LEU B 9 -5.87 4.72 8.57
N TRP B 10 -6.01 4.61 7.26
CA TRP B 10 -4.83 4.60 6.39
C TRP B 10 -4.09 5.93 6.46
N ARG B 11 -4.84 7.04 6.47
CA ARG B 11 -4.20 8.35 6.52
C ARG B 11 -3.39 8.52 7.81
N LEU B 12 -3.91 8.02 8.92
CA LEU B 12 -3.15 8.11 10.18
C LEU B 12 -1.80 7.40 10.06
N GLU B 13 -1.76 6.27 9.36
CA GLU B 13 -0.50 5.55 9.19
C GLU B 13 0.42 6.29 8.22
N GLN B 15 0.64 9.35 7.47
CA GLN B 15 1.15 10.62 7.96
C GLN B 15 1.99 10.48 9.23
N ASN B 16 2.13 9.26 9.74
CA ASN B 16 2.86 9.04 10.99
C ASN B 16 4.34 8.84 10.74
#